data_7UDF
#
_entry.id   7UDF
#
_cell.length_a   44.491
_cell.length_b   51.395
_cell.length_c   78.779
_cell.angle_alpha   90.000
_cell.angle_beta   92.620
_cell.angle_gamma   90.000
#
_symmetry.space_group_name_H-M   'P 1 21 1'
#
loop_
_entity.id
_entity.type
_entity.pdbx_description
1 polymer 'Cytochrome P450'
2 non-polymer 'PROTOPORPHYRIN IX CONTAINING FE'
3 non-polymer '4-propylbenzoic acid'
4 non-polymer 'CHLORIDE ION'
5 water water
#
_entity_poly.entity_id   1
_entity_poly.type   'polypeptide(L)'
_entity_poly.pdbx_seq_one_letter_code
;MISNSSAESISAPPNDSTIPHLAIDPFSLDFFDDPYPDQQTLRDAGPVVYLDKWNVYGVARYAEVHAVLNDPTTFCSSRG
VGLSDFKKEKPWRPPSLILEADPPAHTRPRAVLSKVLSPATMKTIRDGFAAAADAKVDELLQRGCIDAIADLAEAYPLSV
FPDAMGLKQEGREHLLPYAGLVFNAFGPPNELRQTAIERSAPHQAYVNEQCQRPNLAPGGFGACIHAFTDTGEITPDEAP
LLVRSLLSAGLDTTVNGIGAAVYCLARFPGELQRLRSDPTLARNAFEEAVRFESPVQTVFRTTTREVELGGAVIGEGEKV
LMFLGSANRDPRRWSDPDLYDITRKTSGHVGFGSGVHMCVGQLVARLEGEVMLSALARKVAAIDIDGPVKRRFNNTLRGL
ESLPVKLTPA
;
_entity_poly.pdbx_strand_id   A
#
loop_
_chem_comp.id
_chem_comp.type
_chem_comp.name
_chem_comp.formula
8ZU non-polymer '4-propylbenzoic acid' 'C10 H12 O2'
CL non-polymer 'CHLORIDE ION' 'Cl -1'
HEM non-polymer 'PROTOPORPHYRIN IX CONTAINING FE' 'C34 H32 Fe N4 O4'
#
# COMPACT_ATOMS: atom_id res chain seq x y z
N THR A 18 26.99 -5.18 19.92
CA THR A 18 26.69 -6.07 18.79
C THR A 18 25.73 -5.44 17.80
N ILE A 19 24.59 -4.95 18.28
CA ILE A 19 23.61 -4.31 17.41
C ILE A 19 23.99 -2.84 17.32
N PRO A 20 24.17 -2.28 16.13
CA PRO A 20 24.43 -0.84 16.03
C PRO A 20 23.19 -0.02 16.39
N HIS A 21 23.42 1.07 17.11
CA HIS A 21 22.39 2.02 17.49
C HIS A 21 22.45 3.23 16.58
N LEU A 22 21.32 3.55 15.94
CA LEU A 22 21.29 4.71 15.07
C LEU A 22 20.23 5.69 15.54
N ALA A 23 20.46 6.96 15.23
CA ALA A 23 19.60 8.08 15.58
C ALA A 23 18.65 8.49 14.46
N ILE A 24 18.75 7.85 13.29
CA ILE A 24 17.86 8.12 12.15
C ILE A 24 16.39 7.98 12.59
N ASP A 25 15.56 9.00 12.29
CA ASP A 25 14.13 8.95 12.47
C ASP A 25 13.47 8.63 11.12
N PRO A 26 13.07 7.38 10.89
CA PRO A 26 12.44 7.03 9.61
C PRO A 26 11.03 7.57 9.46
N PHE A 27 10.53 8.33 10.44
CA PHE A 27 9.23 8.98 10.36
C PHE A 27 9.36 10.50 10.39
N SER A 28 10.55 11.04 10.13
CA SER A 28 10.77 12.48 10.07
C SER A 28 10.47 12.97 8.66
N LEU A 29 10.08 14.25 8.55
CA LEU A 29 9.83 14.80 7.22
C LEU A 29 11.08 14.80 6.36
N ASP A 30 12.25 15.06 6.94
CA ASP A 30 13.49 14.98 6.16
C ASP A 30 13.69 13.60 5.55
N PHE A 31 13.44 12.55 6.33
CA PHE A 31 13.55 11.19 5.81
C PHE A 31 12.55 10.97 4.67
N PHE A 32 11.29 11.35 4.88
CA PHE A 32 10.29 11.16 3.83
C PHE A 32 10.68 11.89 2.54
N ASP A 33 11.29 13.06 2.69
CA ASP A 33 11.63 13.88 1.53
C ASP A 33 12.64 13.18 0.64
N ASP A 34 13.56 12.41 1.23
CA ASP A 34 14.52 11.63 0.44
C ASP A 34 15.04 10.49 1.32
N PRO A 35 14.39 9.33 1.28
CA PRO A 35 14.73 8.26 2.21
C PRO A 35 15.94 7.45 1.79
N TYR A 36 16.41 7.59 0.55
CA TYR A 36 17.32 6.60 0.02
C TYR A 36 18.70 6.61 0.68
N PRO A 37 19.35 7.77 0.90
CA PRO A 37 20.64 7.72 1.61
C PRO A 37 20.49 7.10 2.98
N ASP A 38 19.45 7.49 3.74
CA ASP A 38 19.30 6.92 5.06
C ASP A 38 18.97 5.42 5.01
N GLN A 39 18.25 4.96 3.97
CA GLN A 39 18.02 3.52 3.87
C GLN A 39 19.30 2.76 3.60
N GLN A 40 20.23 3.32 2.80
CA GLN A 40 21.50 2.63 2.60
C GLN A 40 22.27 2.56 3.92
N THR A 41 22.27 3.65 4.71
CA THR A 41 22.94 3.64 6.01
C THR A 41 22.34 2.56 6.91
N LEU A 42 21.01 2.43 6.91
CA LEU A 42 20.34 1.40 7.68
C LEU A 42 20.73 0.00 7.21
N ARG A 43 20.74 -0.25 5.90
CA ARG A 43 21.20 -1.54 5.38
C ARG A 43 22.63 -1.84 5.74
N ASP A 44 23.52 -0.86 5.53
CA ASP A 44 24.95 -1.15 5.60
C ASP A 44 25.45 -1.19 7.03
N ALA A 45 24.66 -0.66 7.97
CA ALA A 45 25.08 -0.69 9.36
C ALA A 45 25.07 -2.11 9.91
N GLY A 46 24.27 -3.00 9.35
CA GLY A 46 24.14 -4.35 9.83
C GLY A 46 22.82 -4.97 9.44
N PRO A 47 22.68 -6.28 9.60
CA PRO A 47 21.38 -6.90 9.28
C PRO A 47 20.27 -6.50 10.24
N VAL A 48 20.60 -6.15 11.48
CA VAL A 48 19.63 -5.67 12.45
C VAL A 48 20.22 -4.43 13.12
N VAL A 49 19.44 -3.37 13.20
CA VAL A 49 19.85 -2.14 13.87
C VAL A 49 18.86 -1.88 15.00
N TYR A 50 19.26 -0.98 15.91
CA TYR A 50 18.38 -0.47 16.95
C TYR A 50 18.20 1.03 16.75
N LEU A 51 16.94 1.45 16.62
CA LEU A 51 16.57 2.84 16.37
C LEU A 51 16.26 3.51 17.71
N ASP A 52 17.27 4.22 18.24
CA ASP A 52 17.16 4.88 19.53
C ASP A 52 16.04 5.91 19.60
N LYS A 53 15.62 6.47 18.44
CA LYS A 53 14.57 7.50 18.46
C LYS A 53 13.25 6.94 18.96
N TRP A 54 12.98 5.69 18.65
CA TRP A 54 11.69 5.09 18.96
C TRP A 54 11.80 3.79 19.75
N ASN A 55 13.00 3.33 20.09
CA ASN A 55 13.15 2.09 20.87
C ASN A 55 12.53 0.90 20.15
N VAL A 56 12.95 0.69 18.88
CA VAL A 56 12.53 -0.45 18.09
C VAL A 56 13.73 -1.00 17.36
N TYR A 57 13.66 -2.29 17.04
CA TYR A 57 14.63 -2.89 16.14
C TYR A 57 14.25 -2.59 14.70
N GLY A 58 15.26 -2.44 13.84
CA GLY A 58 15.02 -2.22 12.41
C GLY A 58 15.74 -3.23 11.56
N VAL A 59 15.09 -3.65 10.48
CA VAL A 59 15.74 -4.48 9.46
C VAL A 59 15.45 -3.86 8.10
N ALA A 60 16.51 -3.56 7.35
CA ALA A 60 16.34 -2.86 6.09
C ALA A 60 16.80 -3.66 4.86
N ARG A 61 17.48 -4.79 5.04
CA ARG A 61 17.91 -5.58 3.91
C ARG A 61 16.81 -6.55 3.49
N TYR A 62 16.81 -6.89 2.19
CA TYR A 62 15.81 -7.82 1.69
C TYR A 62 15.77 -9.11 2.50
N ALA A 63 16.93 -9.71 2.78
CA ALA A 63 16.91 -11.05 3.36
C ALA A 63 16.17 -11.07 4.69
N GLU A 64 16.46 -10.12 5.58
CA GLU A 64 15.84 -10.15 6.91
C GLU A 64 14.39 -9.67 6.87
N VAL A 65 14.07 -8.73 5.99
CA VAL A 65 12.65 -8.34 5.83
C VAL A 65 11.84 -9.56 5.41
N HIS A 66 12.36 -10.31 4.44
CA HIS A 66 11.66 -11.49 3.95
C HIS A 66 11.56 -12.54 5.03
N ALA A 67 12.64 -12.77 5.79
CA ALA A 67 12.60 -13.75 6.86
C ALA A 67 11.56 -13.38 7.92
N VAL A 68 11.59 -12.13 8.37
CA VAL A 68 10.65 -11.73 9.41
C VAL A 68 9.21 -11.91 8.95
N LEU A 69 8.89 -11.40 7.74
CA LEU A 69 7.50 -11.50 7.27
C LEU A 69 7.03 -12.95 7.20
N ASN A 70 7.96 -13.90 7.01
CA ASN A 70 7.61 -15.30 6.81
C ASN A 70 7.74 -16.13 8.07
N ASP A 71 7.88 -15.50 9.24
CA ASP A 71 7.84 -16.17 10.55
C ASP A 71 6.81 -15.45 11.39
N PRO A 72 5.52 -15.67 11.13
CA PRO A 72 4.47 -14.94 11.87
C PRO A 72 4.30 -15.45 13.30
N THR A 73 4.87 -16.62 13.63
CA THR A 73 4.78 -17.12 14.99
C THR A 73 5.70 -16.32 15.90
N THR A 74 6.91 -16.06 15.44
CA THR A 74 7.87 -15.31 16.24
C THR A 74 7.60 -13.81 16.14
N PHE A 75 7.22 -13.34 14.95
CA PHE A 75 7.06 -11.92 14.67
C PHE A 75 5.58 -11.71 14.38
N CYS A 76 4.83 -11.52 15.46
CA CYS A 76 3.39 -11.59 15.33
C CYS A 76 2.80 -10.25 14.90
N SER A 77 1.52 -10.28 14.50
CA SER A 77 0.76 -9.10 14.09
C SER A 77 -0.35 -8.70 15.05
N SER A 78 -0.73 -9.57 15.98
CA SER A 78 -1.88 -9.28 16.84
C SER A 78 -1.57 -8.25 17.92
N ARG A 79 -0.30 -7.93 18.14
CA ARG A 79 0.02 -6.80 19.00
C ARG A 79 0.21 -5.51 18.20
N GLY A 80 -0.27 -5.46 16.96
CA GLY A 80 -0.27 -4.25 16.15
C GLY A 80 0.85 -4.28 15.12
N VAL A 81 0.60 -3.74 13.92
CA VAL A 81 1.64 -3.63 12.91
C VAL A 81 2.11 -2.19 12.76
N GLY A 82 1.70 -1.32 13.70
CA GLY A 82 2.31 -0.01 13.86
C GLY A 82 3.22 -0.01 15.08
N LEU A 83 3.71 1.19 15.43
CA LEU A 83 4.61 1.28 16.58
C LEU A 83 3.94 0.84 17.87
N SER A 84 2.71 1.26 18.09
CA SER A 84 2.03 0.92 19.33
C SER A 84 1.88 -0.59 19.53
N ASP A 85 2.10 -1.02 20.78
CA ASP A 85 2.01 -2.42 21.18
C ASP A 85 0.66 -2.60 21.88
N PHE A 86 -0.27 -3.37 21.27
CA PHE A 86 -1.61 -3.49 21.80
C PHE A 86 -1.65 -4.16 23.16
N LYS A 87 -0.57 -4.86 23.55
CA LYS A 87 -0.49 -5.35 24.92
C LYS A 87 -0.19 -4.23 25.92
N LYS A 88 0.31 -3.08 25.46
CA LYS A 88 0.67 -1.96 26.34
C LYS A 88 -0.29 -0.78 26.25
N GLU A 89 -0.81 -0.47 25.06
CA GLU A 89 -1.71 0.67 24.84
C GLU A 89 -3.00 0.20 24.21
N LYS A 90 -4.04 0.99 24.37
CA LYS A 90 -5.30 0.71 23.69
C LYS A 90 -5.14 1.06 22.22
N PRO A 91 -5.56 0.21 21.30
CA PRO A 91 -5.50 0.59 19.88
C PRO A 91 -6.42 1.77 19.63
N TRP A 92 -6.08 2.60 18.62
CA TRP A 92 -6.86 3.80 18.34
C TRP A 92 -8.25 3.47 17.78
N ARG A 93 -8.42 2.29 17.23
CA ARG A 93 -9.69 1.75 16.77
C ARG A 93 -9.68 0.25 17.05
N PRO A 94 -10.84 -0.40 17.08
CA PRO A 94 -10.84 -1.85 17.30
C PRO A 94 -9.94 -2.55 16.29
N PRO A 95 -9.14 -3.52 16.73
CA PRO A 95 -8.16 -4.14 15.83
C PRO A 95 -8.78 -4.74 14.58
N SER A 96 -8.04 -4.63 13.50
CA SER A 96 -8.45 -5.31 12.28
C SER A 96 -8.48 -6.81 12.51
N LEU A 97 -9.54 -7.47 12.01
CA LEU A 97 -9.69 -8.90 12.18
C LEU A 97 -8.80 -9.70 11.24
N ILE A 98 -8.11 -9.05 10.32
CA ILE A 98 -7.22 -9.73 9.40
C ILE A 98 -5.78 -9.23 9.52
N LEU A 99 -5.58 -7.91 9.42
CA LEU A 99 -4.22 -7.36 9.46
C LEU A 99 -3.59 -7.57 10.84
N GLU A 100 -4.40 -7.42 11.89
CA GLU A 100 -3.91 -7.38 13.26
C GLU A 100 -4.35 -8.65 13.99
N ALA A 101 -4.40 -9.76 13.26
CA ALA A 101 -4.66 -11.08 13.80
C ALA A 101 -3.53 -12.02 13.36
N ASP A 102 -3.26 -13.02 14.19
CA ASP A 102 -2.32 -14.08 13.90
C ASP A 102 -3.07 -15.37 13.61
N PRO A 103 -2.42 -16.34 12.97
CA PRO A 103 -3.06 -17.66 12.84
C PRO A 103 -3.20 -18.27 14.22
N PRO A 104 -4.29 -18.99 14.50
CA PRO A 104 -5.36 -19.36 13.58
C PRO A 104 -6.47 -18.33 13.41
N ALA A 105 -6.59 -17.33 14.30
CA ALA A 105 -7.75 -16.43 14.18
C ALA A 105 -7.76 -15.72 12.85
N HIS A 106 -6.58 -15.50 12.28
CA HIS A 106 -6.43 -14.82 11.00
C HIS A 106 -7.02 -15.62 9.84
N THR A 107 -6.99 -16.94 9.95
CA THR A 107 -7.14 -17.80 8.78
C THR A 107 -8.50 -17.68 8.09
N ARG A 108 -9.62 -17.76 8.83
CA ARG A 108 -10.85 -17.77 8.06
C ARG A 108 -11.28 -16.40 7.55
N PRO A 109 -11.06 -15.31 8.29
CA PRO A 109 -11.29 -13.97 7.70
C PRO A 109 -10.45 -13.75 6.44
N ARG A 110 -9.20 -14.19 6.48
CA ARG A 110 -8.33 -14.18 5.29
C ARG A 110 -8.96 -14.95 4.14
N ALA A 111 -9.51 -16.14 4.42
CA ALA A 111 -10.10 -16.92 3.34
C ALA A 111 -11.30 -16.21 2.73
N VAL A 112 -12.14 -15.60 3.58
CA VAL A 112 -13.29 -14.87 3.09
C VAL A 112 -12.87 -13.71 2.19
N LEU A 113 -11.91 -12.90 2.64
CA LEU A 113 -11.51 -11.78 1.79
C LEU A 113 -10.87 -12.26 0.50
N SER A 114 -10.17 -13.39 0.53
CA SER A 114 -9.58 -13.96 -0.67
C SER A 114 -10.66 -14.38 -1.67
N LYS A 115 -11.78 -14.96 -1.19
CA LYS A 115 -12.87 -15.31 -2.11
C LYS A 115 -13.66 -14.09 -2.58
N VAL A 116 -13.82 -13.08 -1.71
CA VAL A 116 -14.50 -11.87 -2.15
C VAL A 116 -13.70 -11.18 -3.25
N LEU A 117 -12.37 -11.15 -3.10
CA LEU A 117 -11.48 -10.49 -4.06
C LEU A 117 -10.79 -11.52 -4.96
N SER A 118 -11.63 -12.39 -5.51
CA SER A 118 -11.19 -13.59 -6.22
C SER A 118 -10.93 -13.30 -7.69
N PRO A 119 -10.28 -14.21 -8.34
CA PRO A 119 -10.24 -14.22 -9.82
C PRO A 119 -11.60 -14.09 -10.49
N ALA A 120 -12.61 -14.83 -10.00
CA ALA A 120 -13.94 -14.67 -10.56
C ALA A 120 -14.43 -13.26 -10.38
N THR A 121 -14.20 -12.67 -9.21
CA THR A 121 -14.65 -11.29 -9.06
C THR A 121 -13.94 -10.37 -10.05
N MET A 122 -12.64 -10.61 -10.25
CA MET A 122 -11.86 -9.77 -11.16
C MET A 122 -12.40 -9.89 -12.57
N LYS A 123 -12.74 -11.12 -12.97
CA LYS A 123 -13.39 -11.32 -14.26
C LYS A 123 -14.68 -10.52 -14.37
N THR A 124 -15.45 -10.42 -13.26
CA THR A 124 -16.69 -9.66 -13.38
C THR A 124 -16.48 -8.16 -13.50
N ILE A 125 -15.39 -7.60 -12.96
CA ILE A 125 -15.29 -6.14 -12.94
C ILE A 125 -14.29 -5.60 -13.96
N ARG A 126 -13.51 -6.46 -14.61
CA ARG A 126 -12.39 -6.01 -15.44
C ARG A 126 -12.85 -5.11 -16.57
N ASP A 127 -13.94 -5.47 -17.26
CA ASP A 127 -14.22 -4.68 -18.44
C ASP A 127 -14.66 -3.27 -18.04
N GLY A 128 -15.38 -3.14 -16.93
CA GLY A 128 -15.76 -1.82 -16.47
C GLY A 128 -14.59 -1.04 -15.90
N PHE A 129 -13.66 -1.72 -15.22
CA PHE A 129 -12.47 -1.01 -14.76
C PHE A 129 -11.67 -0.50 -15.96
N ALA A 130 -11.55 -1.33 -17.02
CA ALA A 130 -10.76 -0.96 -18.20
C ALA A 130 -11.42 0.17 -18.97
N ALA A 131 -12.75 0.10 -19.18
CA ALA A 131 -13.43 1.21 -19.84
C ALA A 131 -13.28 2.50 -19.05
N ALA A 132 -13.38 2.43 -17.70
CA ALA A 132 -13.18 3.61 -16.88
C ALA A 132 -11.77 4.19 -17.03
N ALA A 133 -10.78 3.32 -17.18
CA ALA A 133 -9.40 3.78 -17.35
C ALA A 133 -9.21 4.49 -18.69
N ASP A 134 -9.73 3.89 -19.78
CA ASP A 134 -9.67 4.52 -21.10
C ASP A 134 -10.40 5.86 -21.11
N ALA A 135 -11.59 5.90 -20.49
CA ALA A 135 -12.36 7.12 -20.49
C ALA A 135 -11.62 8.26 -19.80
N LYS A 136 -10.99 7.96 -18.66
CA LYS A 136 -10.26 8.99 -17.94
C LYS A 136 -9.06 9.51 -18.75
N VAL A 137 -8.34 8.61 -19.38
CA VAL A 137 -7.19 9.08 -20.17
C VAL A 137 -7.69 9.95 -21.34
N ASP A 138 -8.77 9.52 -22.01
CA ASP A 138 -9.32 10.34 -23.09
C ASP A 138 -9.73 11.71 -22.57
N GLU A 139 -10.39 11.74 -21.41
CA GLU A 139 -10.76 13.01 -20.78
C GLU A 139 -9.54 13.87 -20.49
N LEU A 140 -8.51 13.27 -19.90
CA LEU A 140 -7.32 14.05 -19.57
C LEU A 140 -6.64 14.60 -20.82
N LEU A 141 -6.66 13.84 -21.91
CA LEU A 141 -6.01 14.27 -23.15
C LEU A 141 -6.67 15.49 -23.76
N GLN A 142 -7.98 15.71 -23.50
CA GLN A 142 -8.63 16.95 -23.92
C GLN A 142 -8.17 18.15 -23.12
N ARG A 143 -7.72 17.95 -21.87
CA ARG A 143 -7.18 19.03 -21.07
C ARG A 143 -5.70 19.30 -21.33
N GLY A 144 -4.93 18.28 -21.73
CA GLY A 144 -3.50 18.44 -22.01
C GLY A 144 -2.65 18.56 -20.75
N CYS A 145 -2.79 19.67 -20.02
CA CYS A 145 -2.07 19.94 -18.78
C CYS A 145 -2.95 19.57 -17.59
N ILE A 146 -2.50 18.60 -16.78
CA ILE A 146 -3.29 18.06 -15.68
C ILE A 146 -2.38 17.85 -14.47
N ASP A 147 -2.99 17.49 -13.35
CA ASP A 147 -2.25 17.11 -12.15
C ASP A 147 -2.42 15.60 -12.04
N ALA A 148 -1.34 14.85 -12.23
CA ALA A 148 -1.52 13.40 -12.33
C ALA A 148 -1.88 12.75 -10.99
N ILE A 149 -1.83 13.51 -9.91
CA ILE A 149 -2.35 13.01 -8.64
C ILE A 149 -3.87 13.25 -8.59
N ALA A 150 -4.30 14.50 -8.41
CA ALA A 150 -5.74 14.71 -8.22
C ALA A 150 -6.54 14.19 -9.40
N ASP A 151 -6.07 14.44 -10.62
CA ASP A 151 -6.89 14.21 -11.78
C ASP A 151 -6.76 12.81 -12.34
N LEU A 152 -5.82 12.00 -11.81
CA LEU A 152 -5.56 10.70 -12.40
C LEU A 152 -5.39 9.66 -11.29
N ALA A 153 -4.32 9.75 -10.51
CA ALA A 153 -4.08 8.72 -9.50
C ALA A 153 -5.17 8.72 -8.44
N GLU A 154 -5.72 9.89 -8.10
CA GLU A 154 -6.87 9.93 -7.20
C GLU A 154 -8.18 9.68 -7.97
N ALA A 155 -8.37 10.40 -9.06
CA ALA A 155 -9.66 10.37 -9.78
C ALA A 155 -10.02 8.99 -10.31
N TYR A 156 -9.06 8.24 -10.86
CA TYR A 156 -9.41 6.94 -11.44
C TYR A 156 -9.83 5.94 -10.35
N PRO A 157 -9.06 5.69 -9.29
CA PRO A 157 -9.60 4.79 -8.24
C PRO A 157 -10.90 5.26 -7.64
N LEU A 158 -11.08 6.57 -7.50
CA LEU A 158 -12.36 7.03 -6.94
C LEU A 158 -13.51 6.76 -7.89
N SER A 159 -13.25 6.62 -9.19
CA SER A 159 -14.33 6.35 -10.14
C SER A 159 -14.67 4.86 -10.24
N VAL A 160 -13.83 3.95 -9.73
CA VAL A 160 -14.15 2.54 -9.83
C VAL A 160 -14.28 1.83 -8.47
N PHE A 161 -13.53 2.29 -7.45
CA PHE A 161 -13.42 1.44 -6.27
C PHE A 161 -14.60 1.61 -5.32
N PRO A 162 -15.02 2.84 -5.02
CA PRO A 162 -16.24 3.02 -4.19
C PRO A 162 -17.44 2.35 -4.80
N ASP A 163 -17.58 2.42 -6.13
CA ASP A 163 -18.68 1.71 -6.76
C ASP A 163 -18.54 0.21 -6.62
N ALA A 164 -17.34 -0.32 -6.84
CA ALA A 164 -17.15 -1.76 -6.71
C ALA A 164 -17.39 -2.24 -5.28
N MET A 165 -17.18 -1.36 -4.28
CA MET A 165 -17.50 -1.68 -2.88
C MET A 165 -19.00 -1.74 -2.65
N GLY A 166 -19.76 -1.00 -3.46
CA GLY A 166 -21.18 -0.84 -3.24
C GLY A 166 -21.57 0.33 -2.36
N LEU A 167 -20.71 1.36 -2.26
CA LEU A 167 -20.98 2.53 -1.44
C LEU A 167 -21.93 3.49 -2.13
N LYS A 168 -22.79 4.13 -1.34
CA LYS A 168 -23.58 5.24 -1.85
C LYS A 168 -22.67 6.38 -2.29
N GLN A 169 -23.26 7.33 -3.00
CA GLN A 169 -22.49 8.49 -3.46
C GLN A 169 -22.15 9.42 -2.31
N GLU A 170 -23.11 9.67 -1.44
CA GLU A 170 -22.92 10.68 -0.40
C GLU A 170 -21.82 10.26 0.58
N GLY A 171 -20.95 11.20 0.92
CA GLY A 171 -19.94 10.97 1.93
C GLY A 171 -18.64 10.39 1.44
N ARG A 172 -18.50 10.14 0.13
CA ARG A 172 -17.27 9.52 -0.34
C ARG A 172 -16.06 10.41 -0.14
N GLU A 173 -16.25 11.71 0.07
CA GLU A 173 -15.14 12.60 0.38
C GLU A 173 -14.42 12.21 1.68
N HIS A 174 -15.01 11.29 2.46
CA HIS A 174 -14.40 10.84 3.70
C HIS A 174 -13.37 9.73 3.52
N LEU A 175 -13.35 9.10 2.35
CA LEU A 175 -12.59 7.86 2.18
C LEU A 175 -11.08 8.11 2.19
N LEU A 176 -10.61 9.11 1.43
CA LEU A 176 -9.16 9.32 1.42
C LEU A 176 -8.69 9.91 2.76
N PRO A 177 -9.44 10.84 3.39
CA PRO A 177 -9.04 11.30 4.74
C PRO A 177 -8.94 10.17 5.73
N TYR A 178 -9.91 9.23 5.70
CA TYR A 178 -9.87 8.11 6.62
C TYR A 178 -8.65 7.25 6.37
N ALA A 179 -8.35 6.98 5.09
CA ALA A 179 -7.19 6.14 4.78
C ALA A 179 -5.90 6.82 5.20
N GLY A 180 -5.77 8.12 4.93
CA GLY A 180 -4.61 8.83 5.43
C GLY A 180 -4.45 8.67 6.94
N LEU A 181 -5.55 8.79 7.67
CA LEU A 181 -5.53 8.63 9.12
C LEU A 181 -5.03 7.24 9.52
N VAL A 182 -5.53 6.20 8.85
CA VAL A 182 -5.10 4.82 9.16
C VAL A 182 -3.60 4.67 8.98
N PHE A 183 -3.09 5.15 7.88
CA PHE A 183 -1.67 4.95 7.62
C PHE A 183 -0.79 5.86 8.50
N ASN A 184 -1.26 7.05 8.85
CA ASN A 184 -0.54 7.85 9.82
C ASN A 184 -0.55 7.19 11.19
N ALA A 185 -1.67 6.53 11.53
CA ALA A 185 -1.81 5.94 12.86
C ALA A 185 -0.92 4.72 13.09
N PHE A 186 -0.42 4.06 12.03
CA PHE A 186 0.61 3.04 12.23
C PHE A 186 1.90 3.63 12.77
N GLY A 187 2.16 4.94 12.55
CA GLY A 187 3.45 5.51 12.89
C GLY A 187 3.58 5.79 14.37
N PRO A 188 4.69 6.39 14.73
CA PRO A 188 4.89 6.79 16.13
C PRO A 188 4.00 7.96 16.49
N PRO A 189 3.94 8.31 17.76
CA PRO A 189 3.13 9.45 18.19
C PRO A 189 3.83 10.78 17.93
N ASN A 190 4.05 11.08 16.64
CA ASN A 190 4.57 12.37 16.19
C ASN A 190 3.41 13.26 15.78
N GLU A 191 3.75 14.45 15.27
CA GLU A 191 2.70 15.41 14.96
C GLU A 191 1.79 14.90 13.85
N LEU A 192 2.34 14.21 12.84
CA LEU A 192 1.49 13.64 11.80
C LEU A 192 0.42 12.74 12.39
N ARG A 193 0.80 11.89 13.36
CA ARG A 193 -0.19 10.95 13.89
C ARG A 193 -1.19 11.67 14.78
N GLN A 194 -0.70 12.53 15.65
CA GLN A 194 -1.61 13.15 16.62
C GLN A 194 -2.61 14.07 15.92
N THR A 195 -2.18 14.76 14.87
CA THR A 195 -3.09 15.61 14.13
C THR A 195 -4.11 14.79 13.37
N ALA A 196 -3.67 13.66 12.77
CA ALA A 196 -4.63 12.78 12.12
C ALA A 196 -5.69 12.31 13.11
N ILE A 197 -5.27 11.88 14.29
CA ILE A 197 -6.28 11.37 15.22
C ILE A 197 -7.15 12.51 15.70
N GLU A 198 -6.60 13.72 15.87
CA GLU A 198 -7.43 14.83 16.34
C GLU A 198 -8.62 15.04 15.42
N ARG A 199 -8.44 14.85 14.11
CA ARG A 199 -9.40 15.14 13.05
C ARG A 199 -10.26 13.93 12.68
N SER A 200 -10.12 12.81 13.37
CA SER A 200 -10.63 11.55 12.84
C SER A 200 -12.15 11.41 12.93
N ALA A 201 -12.79 12.04 13.92
CA ALA A 201 -14.13 11.58 14.30
C ALA A 201 -15.12 11.49 13.13
N PRO A 202 -15.25 12.51 12.28
CA PRO A 202 -16.26 12.41 11.19
C PRO A 202 -15.94 11.33 10.18
N HIS A 203 -14.66 11.14 9.86
CA HIS A 203 -14.29 10.12 8.88
C HIS A 203 -14.54 8.74 9.44
N GLN A 204 -14.16 8.55 10.71
CA GLN A 204 -14.45 7.31 11.41
C GLN A 204 -15.96 7.02 11.41
N ALA A 205 -16.78 8.04 11.68
CA ALA A 205 -18.22 7.82 11.80
C ALA A 205 -18.80 7.43 10.45
N TYR A 206 -18.40 8.14 9.40
CA TYR A 206 -18.85 7.77 8.06
C TYR A 206 -18.47 6.33 7.74
N VAL A 207 -17.19 5.98 7.92
CA VAL A 207 -16.70 4.68 7.47
C VAL A 207 -17.38 3.55 8.25
N ASN A 208 -17.47 3.68 9.57
CA ASN A 208 -18.14 2.63 10.34
C ASN A 208 -19.58 2.45 9.91
N GLU A 209 -20.30 3.54 9.65
CA GLU A 209 -21.68 3.39 9.18
C GLU A 209 -21.78 2.64 7.86
N GLN A 210 -20.90 2.95 6.87
CA GLN A 210 -21.03 2.29 5.57
C GLN A 210 -20.73 0.80 5.66
N CYS A 211 -20.15 0.33 6.77
CA CYS A 211 -19.82 -1.08 6.90
C CYS A 211 -21.02 -1.95 7.24
N GLN A 212 -22.14 -1.34 7.57
CA GLN A 212 -23.34 -2.09 7.92
C GLN A 212 -24.02 -2.64 6.68
N ARG A 213 -24.49 -3.88 6.79
CA ARG A 213 -25.06 -4.59 5.63
C ARG A 213 -26.05 -3.79 4.81
N PRO A 214 -27.00 -3.02 5.36
CA PRO A 214 -27.98 -2.35 4.49
C PRO A 214 -27.41 -1.23 3.66
N ASN A 215 -26.18 -0.80 3.95
CA ASN A 215 -25.57 0.36 3.29
C ASN A 215 -24.68 -0.04 2.12
N LEU A 216 -24.66 -1.33 1.78
CA LEU A 216 -23.72 -1.85 0.79
C LEU A 216 -24.51 -2.46 -0.36
N ALA A 217 -24.40 -1.86 -1.55
CA ALA A 217 -25.29 -2.19 -2.66
C ALA A 217 -25.10 -3.62 -3.13
N PRO A 218 -26.16 -4.23 -3.65
CA PRO A 218 -26.06 -5.64 -4.05
C PRO A 218 -24.96 -5.84 -5.09
N GLY A 219 -24.31 -7.01 -5.03
CA GLY A 219 -23.29 -7.41 -5.98
C GLY A 219 -21.90 -6.86 -5.73
N GLY A 220 -21.74 -5.94 -4.77
CA GLY A 220 -20.46 -5.31 -4.50
C GLY A 220 -19.62 -6.11 -3.50
N PHE A 221 -18.41 -5.61 -3.29
CA PHE A 221 -17.49 -6.29 -2.38
C PHE A 221 -18.06 -6.34 -0.96
N GLY A 222 -18.63 -5.24 -0.51
CA GLY A 222 -19.15 -5.20 0.85
C GLY A 222 -20.30 -6.15 1.05
N ALA A 223 -21.25 -6.16 0.10
CA ALA A 223 -22.36 -7.10 0.17
C ALA A 223 -21.86 -8.55 0.15
N CYS A 224 -20.80 -8.81 -0.62
CA CYS A 224 -20.31 -10.17 -0.70
CA CYS A 224 -20.28 -10.17 -0.71
C CYS A 224 -19.66 -10.61 0.61
N ILE A 225 -19.00 -9.70 1.32
CA ILE A 225 -18.50 -10.05 2.64
C ILE A 225 -19.66 -10.43 3.56
N HIS A 226 -20.71 -9.59 3.58
CA HIS A 226 -21.85 -9.91 4.45
C HIS A 226 -22.52 -11.21 4.03
N ALA A 227 -22.49 -11.55 2.75
CA ALA A 227 -23.13 -12.77 2.30
C ALA A 227 -22.31 -13.99 2.71
N PHE A 228 -21.06 -13.82 3.08
CA PHE A 228 -20.20 -14.92 3.47
C PHE A 228 -20.25 -15.21 4.96
N THR A 229 -21.27 -14.72 5.68
CA THR A 229 -21.36 -14.81 7.13
C THR A 229 -22.13 -16.04 7.59
N ASP A 230 -22.34 -17.02 6.71
CA ASP A 230 -23.15 -18.18 7.07
C ASP A 230 -22.44 -19.48 6.75
N THR A 231 -21.14 -19.42 6.45
CA THR A 231 -20.42 -20.62 6.03
C THR A 231 -19.65 -21.29 7.15
N GLY A 232 -19.61 -20.70 8.36
CA GLY A 232 -18.73 -21.16 9.42
C GLY A 232 -17.35 -20.52 9.39
N GLU A 233 -17.14 -19.58 8.48
CA GLU A 233 -15.85 -18.91 8.39
C GLU A 233 -15.84 -17.62 9.18
N ILE A 234 -16.81 -16.73 8.94
CA ILE A 234 -17.03 -15.57 9.79
C ILE A 234 -18.51 -15.54 10.24
N THR A 235 -18.75 -14.82 11.31
CA THR A 235 -20.13 -14.58 11.74
C THR A 235 -20.59 -13.21 11.30
N PRO A 236 -21.87 -12.93 11.39
CA PRO A 236 -22.37 -11.62 10.93
C PRO A 236 -21.72 -10.43 11.62
N ASP A 237 -21.42 -10.53 12.92
CA ASP A 237 -20.80 -9.40 13.61
C ASP A 237 -19.34 -9.17 13.21
N GLU A 238 -18.71 -10.10 12.47
CA GLU A 238 -17.37 -9.84 11.94
C GLU A 238 -17.40 -9.08 10.64
N ALA A 239 -18.50 -9.15 9.91
CA ALA A 239 -18.50 -8.60 8.57
C ALA A 239 -18.29 -7.08 8.55
N PRO A 240 -18.87 -6.28 9.45
CA PRO A 240 -18.57 -4.83 9.36
C PRO A 240 -17.08 -4.52 9.44
N LEU A 241 -16.33 -5.15 10.35
CA LEU A 241 -14.90 -4.82 10.47
C LEU A 241 -14.13 -5.27 9.23
N LEU A 242 -14.59 -6.34 8.55
CA LEU A 242 -13.90 -6.75 7.34
C LEU A 242 -14.19 -5.82 6.16
N VAL A 243 -15.41 -5.28 6.09
CA VAL A 243 -15.63 -4.16 5.17
C VAL A 243 -14.72 -2.98 5.52
N ARG A 244 -14.55 -2.73 6.82
CA ARG A 244 -13.67 -1.65 7.25
C ARG A 244 -12.27 -1.87 6.74
N SER A 245 -11.82 -3.13 6.71
CA SER A 245 -10.50 -3.38 6.16
C SER A 245 -10.38 -2.92 4.72
N LEU A 246 -11.39 -3.18 3.89
CA LEU A 246 -11.26 -2.80 2.49
C LEU A 246 -11.37 -1.30 2.32
N LEU A 247 -12.16 -0.62 3.15
CA LEU A 247 -12.23 0.83 3.06
C LEU A 247 -11.02 1.48 3.69
N SER A 248 -10.25 0.73 4.47
CA SER A 248 -9.00 1.26 5.01
C SER A 248 -7.85 1.10 4.01
N ALA A 249 -7.70 -0.11 3.47
CA ALA A 249 -6.54 -0.48 2.66
C ALA A 249 -6.78 -0.40 1.15
N GLY A 250 -8.03 -0.29 0.71
CA GLY A 250 -8.29 -0.51 -0.71
C GLY A 250 -8.24 0.68 -1.64
N LEU A 251 -8.11 1.90 -1.15
CA LEU A 251 -8.19 3.06 -2.03
C LEU A 251 -6.89 3.87 -2.06
N ASP A 252 -6.43 4.33 -0.90
CA ASP A 252 -5.24 5.19 -0.83
C ASP A 252 -3.97 4.48 -1.32
N THR A 253 -3.87 3.19 -1.08
CA THR A 253 -2.73 2.41 -1.59
C THR A 253 -2.67 2.46 -3.11
N THR A 254 -3.81 2.25 -3.77
CA THR A 254 -3.86 2.25 -5.23
C THR A 254 -3.64 3.65 -5.78
N VAL A 255 -4.09 4.68 -5.07
CA VAL A 255 -3.77 6.05 -5.49
C VAL A 255 -2.27 6.23 -5.56
N ASN A 256 -1.58 5.87 -4.48
CA ASN A 256 -0.14 6.02 -4.48
C ASN A 256 0.56 5.03 -5.43
N GLY A 257 0.01 3.85 -5.65
CA GLY A 257 0.63 2.95 -6.63
C GLY A 257 0.51 3.45 -8.05
N ILE A 258 -0.68 3.89 -8.44
CA ILE A 258 -0.84 4.46 -9.78
C ILE A 258 -0.05 5.75 -9.90
N GLY A 259 -0.06 6.57 -8.84
CA GLY A 259 0.78 7.76 -8.86
C GLY A 259 2.25 7.44 -9.03
N ALA A 260 2.72 6.37 -8.37
CA ALA A 260 4.13 5.97 -8.53
C ALA A 260 4.42 5.64 -9.98
N ALA A 261 3.53 4.84 -10.58
CA ALA A 261 3.79 4.39 -11.95
C ALA A 261 3.79 5.57 -12.92
N VAL A 262 2.87 6.51 -12.75
CA VAL A 262 2.89 7.69 -13.62
C VAL A 262 4.18 8.49 -13.40
N TYR A 263 4.55 8.73 -12.13
CA TYR A 263 5.78 9.43 -11.82
C TYR A 263 7.00 8.75 -12.46
N CYS A 264 7.05 7.42 -12.40
CA CYS A 264 8.15 6.69 -13.05
C CYS A 264 8.16 6.94 -14.54
N LEU A 265 7.01 6.76 -15.19
CA LEU A 265 6.96 6.97 -16.63
C LEU A 265 7.33 8.41 -16.99
N ALA A 266 6.94 9.37 -16.16
CA ALA A 266 7.29 10.77 -16.41
C ALA A 266 8.79 11.02 -16.26
N ARG A 267 9.44 10.32 -15.34
CA ARG A 267 10.86 10.53 -15.10
C ARG A 267 11.74 9.71 -16.03
N PHE A 268 11.23 8.59 -16.54
N PHE A 268 11.23 8.64 -16.60
CA PHE A 268 11.99 7.65 -17.38
CA PHE A 268 12.05 7.72 -17.41
C PHE A 268 11.29 7.52 -18.75
C PHE A 268 11.35 7.52 -18.74
N PRO A 269 11.46 8.50 -19.64
CA PRO A 269 10.74 8.41 -20.92
C PRO A 269 11.13 7.20 -21.75
N GLY A 270 12.35 6.71 -21.65
CA GLY A 270 12.69 5.51 -22.39
C GLY A 270 11.79 4.34 -22.05
N GLU A 271 11.35 4.27 -20.78
CA GLU A 271 10.44 3.20 -20.37
C GLU A 271 9.02 3.47 -20.80
N LEU A 272 8.57 4.73 -20.85
CA LEU A 272 7.29 4.99 -21.52
C LEU A 272 7.35 4.52 -22.96
N GLN A 273 8.47 4.77 -23.64
CA GLN A 273 8.55 4.40 -25.05
CA GLN A 273 8.56 4.40 -25.05
C GLN A 273 8.52 2.89 -25.23
N ARG A 274 9.16 2.14 -24.33
CA ARG A 274 9.06 0.68 -24.41
C ARG A 274 7.64 0.20 -24.14
N LEU A 275 6.97 0.81 -23.17
CA LEU A 275 5.61 0.40 -22.84
C LEU A 275 4.64 0.69 -23.99
N ARG A 276 4.78 1.86 -24.63
CA ARG A 276 3.98 2.12 -25.83
C ARG A 276 4.20 1.04 -26.88
N SER A 277 5.44 0.60 -27.02
CA SER A 277 5.75 -0.35 -28.09
C SER A 277 5.17 -1.73 -27.81
N ASP A 278 4.89 -2.07 -26.54
CA ASP A 278 4.26 -3.34 -26.22
C ASP A 278 3.36 -3.12 -25.00
N PRO A 279 2.09 -2.79 -25.22
CA PRO A 279 1.20 -2.52 -24.08
C PRO A 279 1.00 -3.72 -23.18
N THR A 280 1.34 -4.93 -23.63
CA THR A 280 1.22 -6.08 -22.73
C THR A 280 2.23 -6.04 -21.59
N LEU A 281 3.21 -5.13 -21.65
CA LEU A 281 4.09 -4.87 -20.52
C LEU A 281 3.44 -4.08 -19.41
N ALA A 282 2.15 -3.74 -19.55
CA ALA A 282 1.50 -2.83 -18.60
C ALA A 282 1.50 -3.40 -17.18
N ARG A 283 1.14 -4.67 -17.04
CA ARG A 283 1.06 -5.27 -15.71
C ARG A 283 2.43 -5.26 -15.02
N ASN A 284 3.50 -5.61 -15.74
CA ASN A 284 4.82 -5.59 -15.10
C ASN A 284 5.34 -4.18 -14.90
N ALA A 285 5.01 -3.24 -15.79
CA ALA A 285 5.36 -1.85 -15.55
C ALA A 285 4.77 -1.35 -14.23
N PHE A 286 3.56 -1.80 -13.90
CA PHE A 286 2.96 -1.43 -12.63
C PHE A 286 3.61 -2.17 -11.45
N GLU A 287 3.86 -3.45 -11.58
CA GLU A 287 4.55 -4.18 -10.52
C GLU A 287 5.91 -3.54 -10.20
N GLU A 288 6.63 -3.14 -11.24
CA GLU A 288 7.92 -2.51 -11.05
C GLU A 288 7.78 -1.17 -10.36
N ALA A 289 6.70 -0.43 -10.66
CA ALA A 289 6.50 0.84 -9.97
C ALA A 289 6.23 0.59 -8.49
N VAL A 290 5.54 -0.51 -8.18
CA VAL A 290 5.31 -0.84 -6.76
C VAL A 290 6.64 -1.15 -6.07
N ARG A 291 7.54 -1.88 -6.73
CA ARG A 291 8.86 -2.13 -6.14
C ARG A 291 9.64 -0.82 -5.99
N PHE A 292 9.62 0.01 -7.04
CA PHE A 292 10.49 1.19 -7.13
C PHE A 292 10.07 2.27 -6.14
N GLU A 293 8.78 2.48 -5.96
CA GLU A 293 8.34 3.48 -5.00
C GLU A 293 7.75 2.90 -3.72
N SER A 294 7.47 1.60 -3.66
CA SER A 294 6.89 1.01 -2.46
C SER A 294 5.90 1.91 -1.72
N PRO A 295 4.69 2.09 -2.25
CA PRO A 295 3.67 2.94 -1.58
C PRO A 295 3.53 2.67 -0.11
N VAL A 296 3.52 1.42 0.31
CA VAL A 296 3.49 1.10 1.74
C VAL A 296 4.96 0.91 2.12
N GLN A 297 5.53 1.84 2.90
CA GLN A 297 6.97 1.85 3.10
C GLN A 297 7.42 0.88 4.19
N THR A 298 6.61 0.71 5.23
CA THR A 298 7.02 0.10 6.47
C THR A 298 5.86 -0.68 7.07
N VAL A 299 6.20 -1.75 7.81
CA VAL A 299 5.25 -2.45 8.66
C VAL A 299 6.04 -2.88 9.89
N PHE A 300 5.37 -3.00 11.02
CA PHE A 300 5.99 -3.53 12.23
C PHE A 300 5.48 -4.94 12.52
N ARG A 301 6.25 -5.64 13.36
CA ARG A 301 5.82 -6.88 14.02
C ARG A 301 6.23 -6.77 15.48
N THR A 302 5.74 -7.71 16.32
CA THR A 302 6.16 -7.77 17.71
C THR A 302 6.68 -9.18 17.99
N THR A 303 7.85 -9.30 18.62
CA THR A 303 8.41 -10.62 18.93
C THR A 303 7.59 -11.28 20.03
N THR A 304 7.29 -12.57 19.84
CA THR A 304 6.56 -13.34 20.85
C THR A 304 7.49 -14.14 21.75
N ARG A 305 8.78 -14.10 21.50
CA ARG A 305 9.80 -14.81 22.27
C ARG A 305 11.15 -14.19 21.97
N GLU A 306 12.16 -14.62 22.71
CA GLU A 306 13.53 -14.29 22.34
C GLU A 306 13.89 -15.04 21.08
N VAL A 307 14.60 -14.36 20.18
CA VAL A 307 14.82 -14.84 18.81
C VAL A 307 16.17 -14.32 18.34
N GLU A 308 16.88 -15.16 17.58
CA GLU A 308 18.09 -14.72 16.89
C GLU A 308 17.72 -14.29 15.48
N LEU A 309 18.18 -13.11 15.07
CA LEU A 309 17.93 -12.64 13.71
C LEU A 309 19.19 -11.91 13.24
N GLY A 310 19.73 -12.36 12.10
CA GLY A 310 21.00 -11.87 11.60
C GLY A 310 21.99 -11.58 12.70
N GLY A 311 22.17 -12.52 13.63
CA GLY A 311 23.18 -12.41 14.68
C GLY A 311 22.81 -11.59 15.89
N ALA A 312 21.65 -10.95 15.92
CA ALA A 312 21.19 -10.24 17.10
C ALA A 312 20.23 -11.11 17.89
N VAL A 313 20.30 -11.01 19.21
CA VAL A 313 19.33 -11.69 20.06
C VAL A 313 18.29 -10.65 20.45
N ILE A 314 17.10 -10.83 19.92
CA ILE A 314 15.99 -9.92 20.17
C ILE A 314 15.12 -10.55 21.25
N GLY A 315 14.89 -9.81 22.33
CA GLY A 315 14.07 -10.32 23.40
C GLY A 315 12.59 -10.36 23.05
N GLU A 316 11.83 -10.99 23.94
CA GLU A 316 10.39 -11.06 23.80
C GLU A 316 9.75 -9.68 23.91
N GLY A 317 8.61 -9.52 23.24
CA GLY A 317 7.82 -8.30 23.38
C GLY A 317 8.44 -7.05 22.77
N GLU A 318 9.27 -7.20 21.73
CA GLU A 318 9.97 -6.08 21.13
C GLU A 318 9.32 -5.74 19.78
N LYS A 319 9.26 -4.46 19.46
CA LYS A 319 8.78 -4.06 18.13
C LYS A 319 9.92 -4.12 17.13
N VAL A 320 9.62 -4.65 15.95
CA VAL A 320 10.57 -4.75 14.87
C VAL A 320 9.98 -4.04 13.66
N LEU A 321 10.74 -3.11 13.08
CA LEU A 321 10.31 -2.30 11.95
C LEU A 321 10.96 -2.83 10.68
N MET A 322 10.13 -3.22 9.70
N MET A 322 10.13 -3.23 9.71
CA MET A 322 10.61 -3.68 8.40
CA MET A 322 10.57 -3.67 8.39
C MET A 322 10.49 -2.59 7.35
C MET A 322 10.52 -2.51 7.41
N PHE A 323 11.61 -2.29 6.67
CA PHE A 323 11.64 -1.28 5.62
C PHE A 323 11.37 -1.97 4.30
N LEU A 324 10.09 -2.02 3.92
CA LEU A 324 9.75 -2.63 2.63
C LEU A 324 10.39 -1.89 1.46
N GLY A 325 10.38 -0.55 1.48
CA GLY A 325 10.96 0.19 0.36
C GLY A 325 12.45 -0.08 0.22
N SER A 326 13.14 -0.18 1.37
CA SER A 326 14.59 -0.45 1.37
C SER A 326 14.89 -1.87 0.89
N ALA A 327 14.09 -2.85 1.35
CA ALA A 327 14.24 -4.22 0.87
C ALA A 327 14.10 -4.28 -0.64
N ASN A 328 13.21 -3.46 -1.22
CA ASN A 328 12.94 -3.44 -2.65
C ASN A 328 14.00 -2.69 -3.43
N ARG A 329 14.96 -2.11 -2.73
CA ARG A 329 16.08 -1.38 -3.39
C ARG A 329 17.41 -1.87 -2.80
N ASP A 330 17.44 -3.10 -2.25
CA ASP A 330 18.66 -3.65 -1.66
C ASP A 330 19.55 -4.21 -2.78
N PRO A 331 20.74 -3.66 -3.03
CA PRO A 331 21.61 -4.22 -4.10
C PRO A 331 22.01 -5.66 -3.85
N ARG A 332 21.88 -6.15 -2.62
CA ARG A 332 22.19 -7.54 -2.34
C ARG A 332 21.23 -8.48 -3.04
N ARG A 333 20.01 -8.00 -3.31
CA ARG A 333 18.96 -8.78 -3.95
C ARG A 333 18.68 -8.34 -5.37
N TRP A 334 18.87 -7.06 -5.71
CA TRP A 334 18.43 -6.54 -6.99
C TRP A 334 19.61 -5.97 -7.77
N SER A 335 19.64 -6.24 -9.07
N SER A 335 19.64 -6.24 -9.07
CA SER A 335 20.57 -5.55 -9.96
CA SER A 335 20.57 -5.55 -9.96
C SER A 335 20.03 -4.16 -10.31
C SER A 335 20.02 -4.16 -10.28
N ASP A 336 20.87 -3.15 -10.18
CA ASP A 336 20.52 -1.76 -10.50
C ASP A 336 19.19 -1.40 -9.82
N PRO A 337 19.12 -1.52 -8.51
CA PRO A 337 17.82 -1.35 -7.82
C PRO A 337 17.21 0.03 -8.02
N ASP A 338 18.05 1.04 -8.29
CA ASP A 338 17.58 2.41 -8.43
C ASP A 338 17.18 2.76 -9.85
N LEU A 339 17.11 1.77 -10.75
CA LEU A 339 16.59 1.99 -12.09
C LEU A 339 15.16 1.46 -12.18
N TYR A 340 14.32 2.17 -12.92
CA TYR A 340 12.98 1.70 -13.21
C TYR A 340 13.05 0.88 -14.50
N ASP A 341 12.74 -0.41 -14.43
CA ASP A 341 12.90 -1.32 -15.57
C ASP A 341 11.62 -2.13 -15.76
N ILE A 342 10.82 -1.78 -16.78
CA ILE A 342 9.50 -2.40 -16.90
C ILE A 342 9.57 -3.86 -17.37
N THR A 343 10.74 -4.34 -17.76
CA THR A 343 10.89 -5.77 -18.06
C THR A 343 11.67 -6.50 -16.98
N ARG A 344 11.94 -5.85 -15.83
CA ARG A 344 12.60 -6.52 -14.71
C ARG A 344 11.79 -7.74 -14.25
N LYS A 345 12.47 -8.78 -13.81
CA LYS A 345 11.79 -9.86 -13.11
C LYS A 345 11.52 -9.36 -11.69
N THR A 346 10.29 -8.91 -11.44
CA THR A 346 9.88 -8.28 -10.19
C THR A 346 9.41 -9.29 -9.13
N SER A 347 9.21 -10.55 -9.50
N SER A 347 9.22 -10.55 -9.49
CA SER A 347 8.73 -11.54 -8.57
CA SER A 347 8.71 -11.55 -8.56
C SER A 347 9.61 -11.59 -7.34
C SER A 347 9.62 -11.63 -7.34
N GLY A 348 9.01 -11.56 -6.16
CA GLY A 348 9.78 -11.57 -4.94
C GLY A 348 9.88 -10.22 -4.28
N HIS A 349 9.53 -9.12 -4.95
CA HIS A 349 9.55 -7.87 -4.21
C HIS A 349 8.53 -7.95 -3.07
N VAL A 350 8.75 -7.13 -2.03
CA VAL A 350 7.90 -7.15 -0.85
C VAL A 350 7.00 -5.91 -0.77
N GLY A 351 6.74 -5.23 -1.87
CA GLY A 351 5.84 -4.10 -1.78
C GLY A 351 4.39 -4.44 -1.41
N PHE A 352 3.95 -5.70 -1.62
CA PHE A 352 2.67 -6.22 -1.15
C PHE A 352 2.85 -7.09 0.08
N GLY A 353 4.03 -7.11 0.67
CA GLY A 353 4.29 -8.00 1.80
C GLY A 353 4.75 -9.36 1.30
N SER A 354 4.69 -10.34 2.20
CA SER A 354 5.17 -11.67 1.87
C SER A 354 4.63 -12.62 2.93
N GLY A 355 4.18 -13.81 2.50
CA GLY A 355 3.67 -14.78 3.47
C GLY A 355 2.18 -14.71 3.74
N VAL A 356 1.77 -15.02 4.98
CA VAL A 356 0.36 -15.24 5.26
C VAL A 356 -0.46 -13.96 5.17
N HIS A 357 0.14 -12.79 5.43
CA HIS A 357 -0.60 -11.52 5.31
C HIS A 357 -0.36 -10.83 3.98
N MET A 358 0.32 -11.49 3.03
CA MET A 358 0.60 -10.81 1.77
C MET A 358 -0.69 -10.27 1.17
N CYS A 359 -0.62 -9.04 0.66
CA CYS A 359 -1.82 -8.26 0.34
C CYS A 359 -2.98 -9.06 -0.25
N VAL A 360 -4.09 -9.22 0.50
CA VAL A 360 -5.21 -9.98 -0.06
C VAL A 360 -5.93 -9.22 -1.17
N GLY A 361 -5.73 -7.92 -1.28
CA GLY A 361 -6.28 -7.15 -2.37
C GLY A 361 -5.39 -6.95 -3.59
N GLN A 362 -4.35 -7.78 -3.75
CA GLN A 362 -3.32 -7.48 -4.76
C GLN A 362 -3.89 -7.64 -6.16
N LEU A 363 -4.91 -8.51 -6.35
CA LEU A 363 -5.49 -8.64 -7.67
C LEU A 363 -6.27 -7.39 -8.05
N VAL A 364 -6.89 -6.72 -7.10
CA VAL A 364 -7.57 -5.45 -7.40
C VAL A 364 -6.55 -4.37 -7.72
N ALA A 365 -5.53 -4.22 -6.87
CA ALA A 365 -4.47 -3.25 -7.14
C ALA A 365 -3.87 -3.46 -8.53
N ARG A 366 -3.46 -4.70 -8.84
CA ARG A 366 -2.82 -4.97 -10.13
C ARG A 366 -3.79 -4.77 -11.28
N LEU A 367 -5.09 -5.05 -11.07
CA LEU A 367 -6.03 -4.83 -12.16
C LEU A 367 -6.16 -3.34 -12.49
N GLU A 368 -6.31 -2.50 -11.47
CA GLU A 368 -6.38 -1.05 -11.65
C GLU A 368 -5.11 -0.51 -12.32
N GLY A 369 -3.95 -0.89 -11.77
CA GLY A 369 -2.68 -0.46 -12.34
C GLY A 369 -2.51 -0.89 -13.78
N GLU A 370 -2.81 -2.16 -14.08
CA GLU A 370 -2.65 -2.65 -15.44
C GLU A 370 -3.53 -1.88 -16.42
N VAL A 371 -4.83 -1.75 -16.12
CA VAL A 371 -5.68 -1.15 -17.14
C VAL A 371 -5.41 0.32 -17.28
N MET A 372 -4.94 0.99 -16.20
CA MET A 372 -4.53 2.38 -16.38
C MET A 372 -3.25 2.48 -17.20
N LEU A 373 -2.26 1.64 -16.92
CA LEU A 373 -1.03 1.70 -17.72
C LEU A 373 -1.29 1.29 -19.17
N SER A 374 -2.24 0.38 -19.40
CA SER A 374 -2.60 0.00 -20.77
C SER A 374 -3.18 1.19 -21.51
N ALA A 375 -4.10 1.91 -20.86
CA ALA A 375 -4.69 3.11 -21.44
C ALA A 375 -3.62 4.12 -21.82
N LEU A 376 -2.70 4.43 -20.89
CA LEU A 376 -1.63 5.36 -21.23
C LEU A 376 -0.77 4.82 -22.36
N ALA A 377 -0.48 3.52 -22.35
CA ALA A 377 0.38 2.96 -23.39
C ALA A 377 -0.22 3.15 -24.78
N ARG A 378 -1.54 3.02 -24.89
CA ARG A 378 -2.18 3.10 -26.20
C ARG A 378 -2.51 4.52 -26.63
N LYS A 379 -2.68 5.45 -25.70
CA LYS A 379 -3.24 6.75 -26.02
C LYS A 379 -2.29 7.92 -25.86
N VAL A 380 -1.20 7.78 -25.12
CA VAL A 380 -0.30 8.89 -24.78
C VAL A 380 1.06 8.69 -25.43
N ALA A 381 1.56 9.73 -26.10
CA ALA A 381 2.90 9.67 -26.67
C ALA A 381 3.97 10.18 -25.73
N ALA A 382 3.66 11.13 -24.85
CA ALA A 382 4.67 11.71 -23.97
C ALA A 382 4.01 12.16 -22.68
N ILE A 383 4.77 12.08 -21.57
CA ILE A 383 4.37 12.57 -20.25
C ILE A 383 5.51 13.44 -19.75
N ASP A 384 5.29 14.74 -19.70
CA ASP A 384 6.36 15.67 -19.34
C ASP A 384 5.96 16.44 -18.09
N ILE A 385 6.82 16.40 -17.07
CA ILE A 385 6.56 17.19 -15.89
C ILE A 385 6.63 18.66 -16.29
N ASP A 386 5.60 19.43 -15.93
CA ASP A 386 5.58 20.81 -16.39
C ASP A 386 5.17 21.75 -15.27
N GLY A 387 5.54 21.42 -14.03
CA GLY A 387 5.12 22.18 -12.89
C GLY A 387 5.85 21.66 -11.66
N PRO A 388 5.80 22.43 -10.58
CA PRO A 388 6.47 22.02 -9.34
C PRO A 388 5.88 20.73 -8.77
N VAL A 389 6.76 19.77 -8.47
CA VAL A 389 6.34 18.50 -7.88
C VAL A 389 6.28 18.69 -6.37
N LYS A 390 5.19 18.20 -5.75
CA LYS A 390 5.01 18.33 -4.30
C LYS A 390 4.81 16.96 -3.70
N ARG A 391 5.58 16.65 -2.66
CA ARG A 391 5.44 15.35 -2.02
C ARG A 391 4.37 15.43 -0.94
N ARG A 392 3.74 14.28 -0.67
CA ARG A 392 2.73 14.13 0.37
C ARG A 392 3.38 13.34 1.52
N PHE A 393 3.22 13.82 2.76
CA PHE A 393 3.91 13.20 3.88
C PHE A 393 2.94 12.40 4.73
N ASN A 394 3.30 11.15 4.98
CA ASN A 394 2.46 10.23 5.74
C ASN A 394 3.40 9.27 6.46
N ASN A 395 3.06 8.87 7.69
CA ASN A 395 3.98 8.03 8.44
C ASN A 395 4.25 6.69 7.78
N THR A 396 3.35 6.22 6.91
CA THR A 396 3.48 4.86 6.36
C THR A 396 3.46 4.85 4.82
N LEU A 397 2.73 5.78 4.18
CA LEU A 397 2.61 5.83 2.72
C LEU A 397 3.61 6.79 2.11
N ARG A 398 4.18 6.39 0.96
CA ARG A 398 5.05 7.25 0.15
C ARG A 398 4.31 7.62 -1.13
N GLY A 399 4.26 8.91 -1.43
CA GLY A 399 3.66 9.33 -2.69
C GLY A 399 3.62 10.83 -2.78
N LEU A 400 3.01 11.33 -3.86
CA LEU A 400 3.04 12.76 -4.15
C LEU A 400 1.72 13.44 -3.82
N GLU A 401 1.81 14.72 -3.47
CA GLU A 401 0.64 15.59 -3.34
C GLU A 401 0.21 16.10 -4.69
N SER A 402 1.17 16.54 -5.50
CA SER A 402 0.86 17.13 -6.80
C SER A 402 1.93 16.77 -7.82
N LEU A 403 1.49 16.40 -9.04
CA LEU A 403 2.40 16.01 -10.13
C LEU A 403 1.92 16.62 -11.44
N PRO A 404 2.26 17.87 -11.71
CA PRO A 404 1.80 18.51 -12.95
C PRO A 404 2.50 17.90 -14.15
N VAL A 405 1.71 17.44 -15.12
CA VAL A 405 2.26 16.86 -16.34
C VAL A 405 1.49 17.41 -17.52
N LYS A 406 2.21 17.56 -18.62
CA LYS A 406 1.56 17.67 -19.93
C LYS A 406 1.51 16.28 -20.57
N LEU A 407 0.31 15.87 -20.99
CA LEU A 407 0.09 14.62 -21.73
C LEU A 407 0.02 14.93 -23.23
N THR A 408 0.87 14.29 -24.02
CA THR A 408 0.77 14.43 -25.49
C THR A 408 0.07 13.23 -26.09
N PRO A 409 -0.96 13.45 -26.92
CA PRO A 409 -1.68 12.32 -27.50
C PRO A 409 -0.84 11.58 -28.53
N ALA A 410 -1.01 10.27 -28.56
CA ALA A 410 -0.32 9.40 -29.49
C ALA A 410 -0.71 9.71 -30.94
CHA HEM B . -2.12 -6.23 3.25
CHB HEM B . 0.33 -3.17 0.36
CHC HEM B . -3.72 -2.56 -2.21
CHD HEM B . -6.31 -4.78 1.20
C1A HEM B . -1.10 -5.53 2.65
C2A HEM B . 0.30 -5.57 3.06
C3A HEM B . 0.98 -4.74 2.25
C4A HEM B . 0.03 -4.09 1.36
CMA HEM B . 2.50 -4.41 2.28
CAA HEM B . 0.90 -6.50 4.14
CBA HEM B . 0.78 -5.89 5.52
CGA HEM B . 1.48 -6.73 6.56
O1A HEM B . 1.33 -6.44 7.78
O2A HEM B . 2.25 -7.66 6.21
C1B HEM B . -0.52 -2.78 -0.62
C2B HEM B . -0.20 -2.01 -1.82
C3B HEM B . -1.36 -1.83 -2.48
C4B HEM B . -2.42 -2.52 -1.78
CMB HEM B . 1.19 -1.45 -2.22
CAB HEM B . -1.59 -1.12 -3.83
CBB HEM B . -0.58 -0.79 -4.65
C1C HEM B . -4.80 -3.12 -1.55
C2C HEM B . -6.16 -3.22 -2.02
C3C HEM B . -6.88 -3.83 -1.08
C4C HEM B . -6.00 -4.14 0.03
CMC HEM B . -6.66 -2.68 -3.39
CAC HEM B . -8.37 -4.20 -1.04
CBC HEM B . -9.19 -4.01 -2.07
C1D HEM B . -5.39 -5.35 2.09
C2D HEM B . -5.72 -6.13 3.25
C3D HEM B . -4.57 -6.56 3.81
C4D HEM B . -3.47 -6.07 3.00
CMD HEM B . -7.16 -6.41 3.71
CAD HEM B . -4.45 -7.43 5.06
CBD HEM B . -4.12 -8.83 4.57
CGD HEM B . -3.80 -9.74 5.72
O1D HEM B . -3.87 -10.97 5.52
O2D HEM B . -3.44 -9.25 6.82
NA HEM B . -1.21 -4.61 1.62
NB HEM B . -1.90 -3.09 -0.64
NC HEM B . -4.73 -3.73 -0.33
ND HEM B . -3.99 -5.31 1.99
FE HEM B . -2.93 -4.40 0.47
C1 8ZU C . -7.03 -3.18 7.64
C2 8ZU C . -5.81 -2.86 6.81
C3 8ZU C . -5.28 -1.56 6.79
C4 8ZU C . -4.15 -1.26 6.06
C5 8ZU C . -3.55 -2.27 5.34
C6 8ZU C . -4.05 -3.55 5.37
C7 8ZU C . -5.21 -3.86 6.09
C8 8ZU C . -2.29 -1.98 4.52
C9 8ZU C . -1.08 -2.72 5.04
C10 8ZU C . -0.71 -2.20 6.40
O1 8ZU C . -7.34 -4.39 7.83
O2 8ZU C . -7.67 -2.23 8.15
H1 8ZU C . -5.70 -0.90 7.28
H2 8ZU C . -3.80 -0.39 6.05
H3 8ZU C . -3.64 -4.22 4.88
H4 8ZU C . -5.54 -4.73 6.11
H5 8ZU C . -2.11 -1.03 4.55
H6 8ZU C . -2.44 -2.23 3.59
H7 8ZU C . -0.33 -2.58 4.42
H8 8ZU C . -1.29 -3.66 5.09
H9 8ZU C . -0.39 -1.28 6.31
H10 8ZU C . -0.02 -2.75 6.79
H11 8ZU C . -1.49 -2.20 6.97
CL CL D . -12.10 3.55 12.59
#